data_4QXX
# 
_entry.id   4QXX 
# 
_audit_conform.dict_name       mmcif_pdbx.dic 
_audit_conform.dict_version    5.387 
_audit_conform.dict_location   http://mmcif.pdb.org/dictionaries/ascii/mmcif_pdbx.dic 
# 
loop_
_database_2.database_id 
_database_2.database_code 
_database_2.pdbx_database_accession 
_database_2.pdbx_DOI 
PDB   4QXX         pdb_00004qxx 10.2210/pdb4qxx/pdb 
RCSB  RCSB086652   ?            ?                   
WWPDB D_1000086652 ?            ?                   
# 
loop_
_pdbx_audit_revision_history.ordinal 
_pdbx_audit_revision_history.data_content_type 
_pdbx_audit_revision_history.major_revision 
_pdbx_audit_revision_history.minor_revision 
_pdbx_audit_revision_history.revision_date 
1 'Structure model' 1 0 2015-03-18 
2 'Structure model' 1 1 2015-04-08 
3 'Structure model' 1 2 2024-02-28 
# 
_pdbx_audit_revision_details.ordinal             1 
_pdbx_audit_revision_details.revision_ordinal    1 
_pdbx_audit_revision_details.data_content_type   'Structure model' 
_pdbx_audit_revision_details.provider            repository 
_pdbx_audit_revision_details.type                'Initial release' 
_pdbx_audit_revision_details.description         ? 
_pdbx_audit_revision_details.details             ? 
# 
loop_
_pdbx_audit_revision_group.ordinal 
_pdbx_audit_revision_group.revision_ordinal 
_pdbx_audit_revision_group.data_content_type 
_pdbx_audit_revision_group.group 
1 2 'Structure model' 'Database references' 
2 3 'Structure model' 'Data collection'     
3 3 'Structure model' 'Database references' 
# 
loop_
_pdbx_audit_revision_category.ordinal 
_pdbx_audit_revision_category.revision_ordinal 
_pdbx_audit_revision_category.data_content_type 
_pdbx_audit_revision_category.category 
1 3 'Structure model' chem_comp_atom 
2 3 'Structure model' chem_comp_bond 
3 3 'Structure model' database_2     
# 
loop_
_pdbx_audit_revision_item.ordinal 
_pdbx_audit_revision_item.revision_ordinal 
_pdbx_audit_revision_item.data_content_type 
_pdbx_audit_revision_item.item 
1 3 'Structure model' '_database_2.pdbx_DOI'                
2 3 'Structure model' '_database_2.pdbx_database_accession' 
# 
_pdbx_database_status.status_code                     REL 
_pdbx_database_status.entry_id                        4QXX 
_pdbx_database_status.recvd_initial_deposition_date   2014-07-22 
_pdbx_database_status.deposit_site                    RCSB 
_pdbx_database_status.process_site                    RCSB 
_pdbx_database_status.status_code_sf                  REL 
_pdbx_database_status.status_code_mr                  ? 
_pdbx_database_status.SG_entry                        ? 
_pdbx_database_status.status_code_cs                  ? 
_pdbx_database_status.methods_development_category    ? 
_pdbx_database_status.pdb_format_compatible           Y 
_pdbx_database_status.status_code_nmr_data            ? 
# 
loop_
_audit_author.name 
_audit_author.pdbx_ordinal 
'Soriaga, A.B.' 1 
'Soragni, A.'   2 
'Sawaya, M.R.'  3 
'Eisenberg, D.' 4 
# 
_citation.id                        primary 
_citation.title                     
'Toxicity of Eosinophil MBP Is Repressed by Intracellular Crystallization and Promoted by Extracellular Aggregation.' 
_citation.journal_abbrev            Mol.Cell 
_citation.journal_volume            57 
_citation.page_first                1011 
_citation.page_last                 1021 
_citation.year                      2015 
_citation.journal_id_ASTM           MOCEFL 
_citation.country                   US 
_citation.journal_id_ISSN           1097-2765 
_citation.journal_id_CSD            2168 
_citation.book_publisher            ? 
_citation.pdbx_database_id_PubMed   25728769 
_citation.pdbx_database_id_DOI      10.1016/j.molcel.2015.01.026 
# 
loop_
_citation_author.citation_id 
_citation_author.name 
_citation_author.ordinal 
_citation_author.identifier_ORCID 
primary 'Soragni, A.'         1  ? 
primary 'Yousefi, S.'         2  ? 
primary 'Stoeckle, C.'        3  ? 
primary 'Soriaga, A.B.'       4  ? 
primary 'Sawaya, M.R.'        5  ? 
primary 'Kozlowski, E.'       6  ? 
primary 'Schmid, I.'          7  ? 
primary 'Radonjic-Hoesli, S.' 8  ? 
primary 'Boutet, S.'          9  ? 
primary 'Williams, G.J.'      10 ? 
primary 'Messerschmidt, M.'   11 ? 
primary 'Seibert, M.M.'       12 ? 
primary 'Cascio, D.'          13 ? 
primary 'Zatsepin, N.A.'      14 ? 
primary 'Burghammer, M.'      15 ? 
primary 'Riekel, C.'          16 ? 
primary 'Colletier, J.P.'     17 ? 
primary 'Riek, R.'            18 ? 
primary 'Eisenberg, D.S.'     19 ? 
primary 'Simon, H.U.'         20 ? 
# 
loop_
_entity.id 
_entity.type 
_entity.src_method 
_entity.pdbx_description 
_entity.formula_weight 
_entity.pdbx_number_of_molecules 
_entity.pdbx_ec 
_entity.pdbx_mutation 
_entity.pdbx_fragment 
_entity.details 
1 polymer syn 'Bone marrow proteoglycan' 488.536 1 ? ? 'GNLVS peptide (UNP residues 131-135)' ? 
2 water   nat water                      18.015  2 ? ? ?                                      ? 
# 
_entity_name_com.entity_id   1 
_entity_name_com.name        
'BMPG, Proteoglycan 2, Eosinophil granule major basic protein, EMBP, MBP, Pregnancy-associated major basic protein' 
# 
_entity_poly.entity_id                      1 
_entity_poly.type                           'polypeptide(L)' 
_entity_poly.nstd_linkage                   no 
_entity_poly.nstd_monomer                   no 
_entity_poly.pdbx_seq_one_letter_code       GNLVS 
_entity_poly.pdbx_seq_one_letter_code_can   GNLVS 
_entity_poly.pdbx_strand_id                 Z 
_entity_poly.pdbx_target_identifier         ? 
# 
_pdbx_entity_nonpoly.entity_id   2 
_pdbx_entity_nonpoly.name        water 
_pdbx_entity_nonpoly.comp_id     HOH 
# 
loop_
_entity_poly_seq.entity_id 
_entity_poly_seq.num 
_entity_poly_seq.mon_id 
_entity_poly_seq.hetero 
1 1 GLY n 
1 2 ASN n 
1 3 LEU n 
1 4 VAL n 
1 5 SER n 
# 
_pdbx_entity_src_syn.entity_id              1 
_pdbx_entity_src_syn.pdbx_src_id            1 
_pdbx_entity_src_syn.pdbx_alt_source_flag   sample 
_pdbx_entity_src_syn.pdbx_beg_seq_num       ? 
_pdbx_entity_src_syn.pdbx_end_seq_num       ? 
_pdbx_entity_src_syn.organism_scientific    'Homo sapiens' 
_pdbx_entity_src_syn.organism_common_name   human 
_pdbx_entity_src_syn.ncbi_taxonomy_id       9606 
_pdbx_entity_src_syn.details                ? 
# 
loop_
_chem_comp.id 
_chem_comp.type 
_chem_comp.mon_nstd_flag 
_chem_comp.name 
_chem_comp.pdbx_synonyms 
_chem_comp.formula 
_chem_comp.formula_weight 
ASN 'L-peptide linking' y ASPARAGINE ? 'C4 H8 N2 O3' 132.118 
GLY 'peptide linking'   y GLYCINE    ? 'C2 H5 N O2'  75.067  
HOH non-polymer         . WATER      ? 'H2 O'        18.015  
LEU 'L-peptide linking' y LEUCINE    ? 'C6 H13 N O2' 131.173 
SER 'L-peptide linking' y SERINE     ? 'C3 H7 N O3'  105.093 
VAL 'L-peptide linking' y VALINE     ? 'C5 H11 N O2' 117.146 
# 
loop_
_pdbx_poly_seq_scheme.asym_id 
_pdbx_poly_seq_scheme.entity_id 
_pdbx_poly_seq_scheme.seq_id 
_pdbx_poly_seq_scheme.mon_id 
_pdbx_poly_seq_scheme.ndb_seq_num 
_pdbx_poly_seq_scheme.pdb_seq_num 
_pdbx_poly_seq_scheme.auth_seq_num 
_pdbx_poly_seq_scheme.pdb_mon_id 
_pdbx_poly_seq_scheme.auth_mon_id 
_pdbx_poly_seq_scheme.pdb_strand_id 
_pdbx_poly_seq_scheme.pdb_ins_code 
_pdbx_poly_seq_scheme.hetero 
A 1 1 GLY 1 1 1 GLY GLY Z . n 
A 1 2 ASN 2 2 2 ASN ASN Z . n 
A 1 3 LEU 3 3 3 LEU LEU Z . n 
A 1 4 VAL 4 4 4 VAL VAL Z . n 
A 1 5 SER 5 5 5 SER SER Z . n 
# 
loop_
_pdbx_nonpoly_scheme.asym_id 
_pdbx_nonpoly_scheme.entity_id 
_pdbx_nonpoly_scheme.mon_id 
_pdbx_nonpoly_scheme.ndb_seq_num 
_pdbx_nonpoly_scheme.pdb_seq_num 
_pdbx_nonpoly_scheme.auth_seq_num 
_pdbx_nonpoly_scheme.pdb_mon_id 
_pdbx_nonpoly_scheme.auth_mon_id 
_pdbx_nonpoly_scheme.pdb_strand_id 
_pdbx_nonpoly_scheme.pdb_ins_code 
B 2 HOH 1 101 1 HOH HOH Z . 
B 2 HOH 2 102 3 HOH HOH Z . 
# 
loop_
_software.name 
_software.classification 
_software.version 
_software.citation_id 
_software.pdbx_ordinal 
ADSC      'data collection' Quantum                      ? 1 
PHASER    phasing           .                            ? 2 
PHENIX    refinement        '(phenix.refine: 1.7.3_928)' ? 3 
DENZO     'data reduction'  .                            ? 4 
SCALEPACK 'data scaling'    .                            ? 5 
# 
_cell.entry_id           4QXX 
_cell.length_a           4.755 
_cell.length_b           16.816 
_cell.length_c           35.759 
_cell.angle_alpha        90.00 
_cell.angle_beta         90.00 
_cell.angle_gamma        90.00 
_cell.Z_PDB              4 
_cell.pdbx_unique_axis   ? 
_cell.length_a_esd       ? 
_cell.length_b_esd       ? 
_cell.length_c_esd       ? 
_cell.angle_alpha_esd    ? 
_cell.angle_beta_esd     ? 
_cell.angle_gamma_esd    ? 
# 
_symmetry.entry_id                         4QXX 
_symmetry.space_group_name_H-M             'P 2 21 21' 
_symmetry.pdbx_full_space_group_name_H-M   ? 
_symmetry.cell_setting                     ? 
_symmetry.Int_Tables_number                18 
_symmetry.space_group_name_Hall            ? 
# 
_exptl.entry_id          4QXX 
_exptl.method            'X-RAY DIFFRACTION' 
_exptl.crystals_number   1 
# 
_exptl_crystal.id                    1 
_exptl_crystal.density_meas          ? 
_exptl_crystal.density_Matthews      1.46 
_exptl_crystal.density_percent_sol   15.94 
_exptl_crystal.description           ? 
_exptl_crystal.F_000                 ? 
_exptl_crystal.preparation           ? 
# 
_exptl_crystal_grow.crystal_id      1 
_exptl_crystal_grow.method          'VAPOR DIFFUSION, HANGING DROP' 
_exptl_crystal_grow.temp            291 
_exptl_crystal_grow.temp_details    ? 
_exptl_crystal_grow.pH              4.2 
_exptl_crystal_grow.pdbx_details    
'2 M ammonium sulfate, 0.1 M phosphate/citrate, pH 4.2, VAPOR DIFFUSION, HANGING DROP, temperature 291K' 
_exptl_crystal_grow.pdbx_pH_range   ? 
# 
_diffrn.id                     1 
_diffrn.ambient_temp           100 
_diffrn.ambient_temp_details   ? 
_diffrn.crystal_id             1 
# 
_diffrn_detector.diffrn_id              1 
_diffrn_detector.detector               CCD 
_diffrn_detector.type                   'ADSC QUANTUM 315' 
_diffrn_detector.pdbx_collection_date   2012-06-06 
_diffrn_detector.details                ? 
# 
_diffrn_radiation.diffrn_id                        1 
_diffrn_radiation.wavelength_id                    1 
_diffrn_radiation.pdbx_monochromatic_or_laue_m_l   M 
_diffrn_radiation.monochromator                    'cryogenically-cooled single crystal Si(220) side bounce' 
_diffrn_radiation.pdbx_diffrn_protocol             'SINGLE WAVELENGTH' 
_diffrn_radiation.pdbx_scattering_type             x-ray 
# 
_diffrn_radiation_wavelength.id           1 
_diffrn_radiation_wavelength.wavelength   0.9792 
_diffrn_radiation_wavelength.wt           1.0 
# 
_diffrn_source.diffrn_id                   1 
_diffrn_source.source                      SYNCHROTRON 
_diffrn_source.type                        'APS BEAMLINE 24-ID-E' 
_diffrn_source.pdbx_synchrotron_site       APS 
_diffrn_source.pdbx_synchrotron_beamline   24-ID-E 
_diffrn_source.pdbx_wavelength             ? 
_diffrn_source.pdbx_wavelength_list        0.9792 
# 
_reflns.entry_id                     4QXX 
_reflns.observed_criterion_sigma_I   -3.0 
_reflns.observed_criterion_sigma_F   ? 
_reflns.d_resolution_low             100 
_reflns.d_resolution_high            1.445 
_reflns.number_obs                   658 
_reflns.number_all                   ? 
_reflns.percent_possible_obs         98.7 
_reflns.pdbx_Rmerge_I_obs            0.46 
_reflns.pdbx_Rsym_value              ? 
_reflns.pdbx_netI_over_sigmaI        10.36 
_reflns.B_iso_Wilson_estimate        ? 
_reflns.pdbx_redundancy              5.9 
_reflns.R_free_details               ? 
_reflns.limit_h_max                  ? 
_reflns.limit_h_min                  ? 
_reflns.limit_k_max                  ? 
_reflns.limit_k_min                  ? 
_reflns.limit_l_max                  ? 
_reflns.limit_l_min                  ? 
_reflns.observed_criterion_F_max     ? 
_reflns.observed_criterion_F_min     ? 
_reflns.pdbx_chi_squared             ? 
_reflns.pdbx_scaling_rejects         ? 
_reflns.pdbx_ordinal                 1 
_reflns.pdbx_diffrn_id               1 
# 
_reflns_shell.d_res_high             1.445 
_reflns_shell.d_res_low              1.5 
_reflns_shell.percent_possible_all   100 
_reflns_shell.Rmerge_I_obs           0.46 
_reflns_shell.pdbx_Rsym_value        ? 
_reflns_shell.meanI_over_sigI_obs    4.94 
_reflns_shell.pdbx_redundancy        5.5 
_reflns_shell.percent_possible_obs   ? 
_reflns_shell.number_unique_all      66 
_reflns_shell.number_measured_all    ? 
_reflns_shell.number_measured_obs    ? 
_reflns_shell.number_unique_obs      ? 
_reflns_shell.pdbx_chi_squared       ? 
_reflns_shell.pdbx_ordinal           1 
_reflns_shell.pdbx_diffrn_id         1 
# 
_refine.entry_id                                 4QXX 
_refine.ls_number_reflns_obs                     638 
_refine.ls_number_reflns_all                     638 
_refine.pdbx_ls_sigma_I                          ? 
_refine.pdbx_ls_sigma_F                          1.41 
_refine.pdbx_data_cutoff_high_absF               ? 
_refine.pdbx_data_cutoff_low_absF                ? 
_refine.pdbx_data_cutoff_high_rms_absF           ? 
_refine.ls_d_res_low                             17.879 
_refine.ls_d_res_high                            1.445 
_refine.ls_percent_reflns_obs                    98.00 
_refine.ls_R_factor_obs                          0.1674 
_refine.ls_R_factor_all                          ? 
_refine.ls_R_factor_R_work                       0.1641 
_refine.ls_R_factor_R_free                       0.1918 
_refine.ls_R_factor_R_free_error                 ? 
_refine.ls_R_factor_R_free_error_details         ? 
_refine.ls_percent_reflns_R_free                 10.03 
_refine.ls_number_reflns_R_free                  64 
_refine.ls_number_parameters                     ? 
_refine.ls_number_restraints                     ? 
_refine.occupancy_min                            ? 
_refine.occupancy_max                            ? 
_refine.correlation_coeff_Fo_to_Fc               ? 
_refine.correlation_coeff_Fo_to_Fc_free          ? 
_refine.B_iso_mean                               ? 
_refine.aniso_B[1][1]                            -0.0695 
_refine.aniso_B[2][2]                            -0.2246 
_refine.aniso_B[3][3]                            0.2940 
_refine.aniso_B[1][2]                            -0.0000 
_refine.aniso_B[1][3]                            0.0000 
_refine.aniso_B[2][3]                            0.0000 
_refine.solvent_model_details                    'FLAT BULK SOLVENT MODEL' 
_refine.solvent_model_param_ksol                 0.375 
_refine.solvent_model_param_bsol                 49.587 
_refine.pdbx_solvent_vdw_probe_radii             0.90 
_refine.pdbx_solvent_ion_probe_radii             ? 
_refine.pdbx_solvent_shrinkage_radii             0.60 
_refine.pdbx_ls_cross_valid_method               ? 
_refine.details                                  ? 
_refine.pdbx_starting_model                      ? 
_refine.pdbx_method_to_determine_struct          'MOLECULAR REPLACEMENT' 
_refine.pdbx_isotropic_thermal_model             ? 
_refine.pdbx_stereochemistry_target_values       ML 
_refine.pdbx_stereochem_target_val_spec_case     ? 
_refine.pdbx_R_Free_selection_details            RANDOM 
_refine.pdbx_overall_ESU_R                       ? 
_refine.pdbx_overall_ESU_R_Free                  ? 
_refine.overall_SU_ML                            0.08 
_refine.pdbx_overall_phase_error                 21.28 
_refine.overall_SU_B                             ? 
_refine.overall_SU_R_Cruickshank_DPI             ? 
_refine.ls_redundancy_reflns_obs                 ? 
_refine.B_iso_min                                ? 
_refine.B_iso_max                                ? 
_refine.overall_SU_R_free                        ? 
_refine.ls_wR_factor_R_free                      ? 
_refine.ls_wR_factor_R_work                      ? 
_refine.overall_FOM_free_R_set                   ? 
_refine.overall_FOM_work_R_set                   ? 
_refine.pdbx_diffrn_id                           1 
_refine.pdbx_refine_id                           'X-RAY DIFFRACTION' 
_refine.pdbx_TLS_residual_ADP_flag               ? 
_refine.pdbx_overall_SU_R_free_Cruickshank_DPI   ? 
_refine.pdbx_overall_SU_R_Blow_DPI               ? 
_refine.pdbx_overall_SU_R_free_Blow_DPI          ? 
# 
_refine_hist.pdbx_refine_id                   'X-RAY DIFFRACTION' 
_refine_hist.cycle_id                         LAST 
_refine_hist.pdbx_number_atoms_protein        34 
_refine_hist.pdbx_number_atoms_nucleic_acid   0 
_refine_hist.pdbx_number_atoms_ligand         0 
_refine_hist.number_atoms_solvent             2 
_refine_hist.number_atoms_total               36 
_refine_hist.d_res_high                       1.445 
_refine_hist.d_res_low                        17.879 
# 
loop_
_refine_ls_restr.type 
_refine_ls_restr.dev_ideal 
_refine_ls_restr.dev_ideal_target 
_refine_ls_restr.weight 
_refine_ls_restr.number 
_refine_ls_restr.pdbx_restraint_function 
_refine_ls_restr.pdbx_refine_id 
f_bond_d           0.005 ? ? 33 ? 'X-RAY DIFFRACTION' 
f_angle_d          1.269 ? ? 44 ? 'X-RAY DIFFRACTION' 
f_dihedral_angle_d 9.426 ? ? 11 ? 'X-RAY DIFFRACTION' 
f_chiral_restr     0.069 ? ? 6  ? 'X-RAY DIFFRACTION' 
f_plane_restr      0.002 ? ? 6  ? 'X-RAY DIFFRACTION' 
# 
_refine_ls_shell.pdbx_total_number_of_bins_used   ? 
_refine_ls_shell.d_res_high                       1.445 
_refine_ls_shell.d_res_low                        17.8809 
_refine_ls_shell.number_reflns_R_work             574 
_refine_ls_shell.R_factor_R_work                  0.1641 
_refine_ls_shell.percent_reflns_obs               98.00 
_refine_ls_shell.R_factor_R_free                  0.1918 
_refine_ls_shell.R_factor_R_free_error            ? 
_refine_ls_shell.percent_reflns_R_free            ? 
_refine_ls_shell.number_reflns_R_free             64 
_refine_ls_shell.number_reflns_all                ? 
_refine_ls_shell.R_factor_all                     ? 
_refine_ls_shell.number_reflns_obs                638 
_refine_ls_shell.redundancy_reflns_obs            ? 
_refine_ls_shell.pdbx_refine_id                   'X-RAY DIFFRACTION' 
# 
_struct.entry_id                  4QXX 
_struct.title                     
'Structure of the amyloid forming peptide GNLVS (residues 26-30) from the eosinophil major basic protein (EMBP)' 
_struct.pdbx_model_details        ? 
_struct.pdbx_CASP_flag            ? 
_struct.pdbx_model_type_details   ? 
# 
_struct_keywords.entry_id        4QXX 
_struct_keywords.pdbx_keywords   'PROTEIN FIBRIL' 
_struct_keywords.text            'amyloid-like protofibril, PROTEIN FIBRIL' 
# 
loop_
_struct_asym.id 
_struct_asym.pdbx_blank_PDB_chainid_flag 
_struct_asym.pdbx_modified 
_struct_asym.entity_id 
_struct_asym.details 
A N N 1 ? 
B N N 2 ? 
# 
_struct_ref.id                         1 
_struct_ref.db_name                    UNP 
_struct_ref.db_code                    PRG2_HUMAN 
_struct_ref.pdbx_db_accession          P13727 
_struct_ref.entity_id                  1 
_struct_ref.pdbx_seq_one_letter_code   GNLVS 
_struct_ref.pdbx_align_begin           131 
_struct_ref.pdbx_db_isoform            ? 
# 
_struct_ref_seq.align_id                      1 
_struct_ref_seq.ref_id                        1 
_struct_ref_seq.pdbx_PDB_id_code              4QXX 
_struct_ref_seq.pdbx_strand_id                Z 
_struct_ref_seq.seq_align_beg                 1 
_struct_ref_seq.pdbx_seq_align_beg_ins_code   ? 
_struct_ref_seq.seq_align_end                 5 
_struct_ref_seq.pdbx_seq_align_end_ins_code   ? 
_struct_ref_seq.pdbx_db_accession             P13727 
_struct_ref_seq.db_align_beg                  131 
_struct_ref_seq.pdbx_db_align_beg_ins_code    ? 
_struct_ref_seq.db_align_end                  135 
_struct_ref_seq.pdbx_db_align_end_ins_code    ? 
_struct_ref_seq.pdbx_auth_seq_align_beg       1 
_struct_ref_seq.pdbx_auth_seq_align_end       5 
# 
_pdbx_struct_assembly.id                   1 
_pdbx_struct_assembly.details              author_defined_assembly 
_pdbx_struct_assembly.method_details       ? 
_pdbx_struct_assembly.oligomeric_details   hexameric 
_pdbx_struct_assembly.oligomeric_count     6 
# 
_pdbx_struct_assembly_gen.assembly_id       1 
_pdbx_struct_assembly_gen.oper_expression   1,2,3,4,5,6 
_pdbx_struct_assembly_gen.asym_id_list      A,B 
# 
loop_
_pdbx_struct_oper_list.id 
_pdbx_struct_oper_list.type 
_pdbx_struct_oper_list.name 
_pdbx_struct_oper_list.symmetry_operation 
_pdbx_struct_oper_list.matrix[1][1] 
_pdbx_struct_oper_list.matrix[1][2] 
_pdbx_struct_oper_list.matrix[1][3] 
_pdbx_struct_oper_list.vector[1] 
_pdbx_struct_oper_list.matrix[2][1] 
_pdbx_struct_oper_list.matrix[2][2] 
_pdbx_struct_oper_list.matrix[2][3] 
_pdbx_struct_oper_list.vector[2] 
_pdbx_struct_oper_list.matrix[3][1] 
_pdbx_struct_oper_list.matrix[3][2] 
_pdbx_struct_oper_list.matrix[3][3] 
_pdbx_struct_oper_list.vector[3] 
1 'identity operation'         1_555 x,y,z             1.0000000000  0.0000000000  0.0000000000  0.0000000000  0.0000000000  1.0000000000 0.0000000000 0.0000000000  0.0000000000  0.0000000000 1.0000000000  0.0000000000  
2 'crystal symmetry operation' 1_655 x+1,y,z           1.0000000000  0.0000000000  0.0000000000  3.2812361048  0.0000000000  1.0000000000 0.0000000000 2.8979773204  0.0000000000  0.0000000000 1.0000000000  -1.8561363300 
3 'crystal symmetry operation' 1_755 x+2,y,z           1.0000000000  0.0000000000  0.0000000000  6.5624722095  0.0000000000  1.0000000000 0.0000000000 5.7959546407  0.0000000000  0.0000000000 1.0000000000  -3.7122726600 
4 'crystal symmetry operation' 3_555 -x,y+1/2,-z+1/2   -0.7067172584 -0.5859891145 -0.3964435324 -1.3552566731 -0.5859891145 0.1708266243 0.7921079612 8.1372464440  -0.3964435324 0.7921079612 -0.4641093659 3.2127427395  
5 'crystal symmetry operation' 3_655 -x+1,y+1/2,-z+1/2 -0.7067172584 -0.5859891145 -0.3964435324 1.9259794316  -0.5859891145 0.1708266243 0.7921079612 11.0352237643 -0.3964435324 0.7921079612 -0.4641093659 1.3566064095  
6 'crystal symmetry operation' 3_755 -x+2,y+1/2,-z+1/2 -0.7067172584 -0.5859891145 -0.3964435324 5.2072155364  -0.5859891145 0.1708266243 0.7921079612 13.9332010847 -0.3964435324 0.7921079612 -0.4641093659 -0.4995299204 
# 
_struct_biol.id        1 
_struct_biol.details   'The biological assembly listed in REMARK 350 represents only a segment of a fibril.' 
# 
_pdbx_struct_special_symmetry.id              1 
_pdbx_struct_special_symmetry.PDB_model_num   1 
_pdbx_struct_special_symmetry.auth_asym_id    Z 
_pdbx_struct_special_symmetry.auth_comp_id    HOH 
_pdbx_struct_special_symmetry.auth_seq_id     102 
_pdbx_struct_special_symmetry.PDB_ins_code    ? 
_pdbx_struct_special_symmetry.label_asym_id   B 
_pdbx_struct_special_symmetry.label_comp_id   HOH 
_pdbx_struct_special_symmetry.label_seq_id    . 
# 
loop_
_chem_comp_atom.comp_id 
_chem_comp_atom.atom_id 
_chem_comp_atom.type_symbol 
_chem_comp_atom.pdbx_aromatic_flag 
_chem_comp_atom.pdbx_stereo_config 
_chem_comp_atom.pdbx_ordinal 
ASN N    N N N 1  
ASN CA   C N S 2  
ASN C    C N N 3  
ASN O    O N N 4  
ASN CB   C N N 5  
ASN CG   C N N 6  
ASN OD1  O N N 7  
ASN ND2  N N N 8  
ASN OXT  O N N 9  
ASN H    H N N 10 
ASN H2   H N N 11 
ASN HA   H N N 12 
ASN HB2  H N N 13 
ASN HB3  H N N 14 
ASN HD21 H N N 15 
ASN HD22 H N N 16 
ASN HXT  H N N 17 
GLY N    N N N 18 
GLY CA   C N N 19 
GLY C    C N N 20 
GLY O    O N N 21 
GLY OXT  O N N 22 
GLY H    H N N 23 
GLY H2   H N N 24 
GLY HA2  H N N 25 
GLY HA3  H N N 26 
GLY HXT  H N N 27 
HOH O    O N N 28 
HOH H1   H N N 29 
HOH H2   H N N 30 
LEU N    N N N 31 
LEU CA   C N S 32 
LEU C    C N N 33 
LEU O    O N N 34 
LEU CB   C N N 35 
LEU CG   C N N 36 
LEU CD1  C N N 37 
LEU CD2  C N N 38 
LEU OXT  O N N 39 
LEU H    H N N 40 
LEU H2   H N N 41 
LEU HA   H N N 42 
LEU HB2  H N N 43 
LEU HB3  H N N 44 
LEU HG   H N N 45 
LEU HD11 H N N 46 
LEU HD12 H N N 47 
LEU HD13 H N N 48 
LEU HD21 H N N 49 
LEU HD22 H N N 50 
LEU HD23 H N N 51 
LEU HXT  H N N 52 
SER N    N N N 53 
SER CA   C N S 54 
SER C    C N N 55 
SER O    O N N 56 
SER CB   C N N 57 
SER OG   O N N 58 
SER OXT  O N N 59 
SER H    H N N 60 
SER H2   H N N 61 
SER HA   H N N 62 
SER HB2  H N N 63 
SER HB3  H N N 64 
SER HG   H N N 65 
SER HXT  H N N 66 
VAL N    N N N 67 
VAL CA   C N S 68 
VAL C    C N N 69 
VAL O    O N N 70 
VAL CB   C N N 71 
VAL CG1  C N N 72 
VAL CG2  C N N 73 
VAL OXT  O N N 74 
VAL H    H N N 75 
VAL H2   H N N 76 
VAL HA   H N N 77 
VAL HB   H N N 78 
VAL HG11 H N N 79 
VAL HG12 H N N 80 
VAL HG13 H N N 81 
VAL HG21 H N N 82 
VAL HG22 H N N 83 
VAL HG23 H N N 84 
VAL HXT  H N N 85 
# 
loop_
_chem_comp_bond.comp_id 
_chem_comp_bond.atom_id_1 
_chem_comp_bond.atom_id_2 
_chem_comp_bond.value_order 
_chem_comp_bond.pdbx_aromatic_flag 
_chem_comp_bond.pdbx_stereo_config 
_chem_comp_bond.pdbx_ordinal 
ASN N   CA   sing N N 1  
ASN N   H    sing N N 2  
ASN N   H2   sing N N 3  
ASN CA  C    sing N N 4  
ASN CA  CB   sing N N 5  
ASN CA  HA   sing N N 6  
ASN C   O    doub N N 7  
ASN C   OXT  sing N N 8  
ASN CB  CG   sing N N 9  
ASN CB  HB2  sing N N 10 
ASN CB  HB3  sing N N 11 
ASN CG  OD1  doub N N 12 
ASN CG  ND2  sing N N 13 
ASN ND2 HD21 sing N N 14 
ASN ND2 HD22 sing N N 15 
ASN OXT HXT  sing N N 16 
GLY N   CA   sing N N 17 
GLY N   H    sing N N 18 
GLY N   H2   sing N N 19 
GLY CA  C    sing N N 20 
GLY CA  HA2  sing N N 21 
GLY CA  HA3  sing N N 22 
GLY C   O    doub N N 23 
GLY C   OXT  sing N N 24 
GLY OXT HXT  sing N N 25 
HOH O   H1   sing N N 26 
HOH O   H2   sing N N 27 
LEU N   CA   sing N N 28 
LEU N   H    sing N N 29 
LEU N   H2   sing N N 30 
LEU CA  C    sing N N 31 
LEU CA  CB   sing N N 32 
LEU CA  HA   sing N N 33 
LEU C   O    doub N N 34 
LEU C   OXT  sing N N 35 
LEU CB  CG   sing N N 36 
LEU CB  HB2  sing N N 37 
LEU CB  HB3  sing N N 38 
LEU CG  CD1  sing N N 39 
LEU CG  CD2  sing N N 40 
LEU CG  HG   sing N N 41 
LEU CD1 HD11 sing N N 42 
LEU CD1 HD12 sing N N 43 
LEU CD1 HD13 sing N N 44 
LEU CD2 HD21 sing N N 45 
LEU CD2 HD22 sing N N 46 
LEU CD2 HD23 sing N N 47 
LEU OXT HXT  sing N N 48 
SER N   CA   sing N N 49 
SER N   H    sing N N 50 
SER N   H2   sing N N 51 
SER CA  C    sing N N 52 
SER CA  CB   sing N N 53 
SER CA  HA   sing N N 54 
SER C   O    doub N N 55 
SER C   OXT  sing N N 56 
SER CB  OG   sing N N 57 
SER CB  HB2  sing N N 58 
SER CB  HB3  sing N N 59 
SER OG  HG   sing N N 60 
SER OXT HXT  sing N N 61 
VAL N   CA   sing N N 62 
VAL N   H    sing N N 63 
VAL N   H2   sing N N 64 
VAL CA  C    sing N N 65 
VAL CA  CB   sing N N 66 
VAL CA  HA   sing N N 67 
VAL C   O    doub N N 68 
VAL C   OXT  sing N N 69 
VAL CB  CG1  sing N N 70 
VAL CB  CG2  sing N N 71 
VAL CB  HB   sing N N 72 
VAL CG1 HG11 sing N N 73 
VAL CG1 HG12 sing N N 74 
VAL CG1 HG13 sing N N 75 
VAL CG2 HG21 sing N N 76 
VAL CG2 HG22 sing N N 77 
VAL CG2 HG23 sing N N 78 
VAL OXT HXT  sing N N 79 
# 
_atom_sites.entry_id                    4QXX 
_atom_sites.fract_transf_matrix[1][1]   0.14512310 
_atom_sites.fract_transf_matrix[1][2]   0.12817227 
_atom_sites.fract_transf_matrix[1][3]   -0.08209353 
_atom_sites.fract_transf_matrix[2][1]   -0.02277216 
_atom_sites.fract_transf_matrix[2][2]   0.04549957 
_atom_sites.fract_transf_matrix[2][3]   0.03078216 
_atom_sites.fract_transf_matrix[3][1]   0.01717460 
_atom_sites.fract_transf_matrix[3][2]   -0.00580881 
_atom_sites.fract_transf_matrix[3][3]   0.02129160 
_atom_sites.fract_transf_vector[1]      -0.291272 
_atom_sites.fract_transf_vector[2]      -0.268696 
_atom_sites.fract_transf_vector[3]      0.251070 
# 
loop_
_atom_type.symbol 
C 
N 
O 
# 
loop_
_atom_site.group_PDB 
_atom_site.id 
_atom_site.type_symbol 
_atom_site.label_atom_id 
_atom_site.label_alt_id 
_atom_site.label_comp_id 
_atom_site.label_asym_id 
_atom_site.label_entity_id 
_atom_site.label_seq_id 
_atom_site.pdbx_PDB_ins_code 
_atom_site.Cartn_x 
_atom_site.Cartn_y 
_atom_site.Cartn_z 
_atom_site.occupancy 
_atom_site.B_iso_or_equiv 
_atom_site.pdbx_formal_charge 
_atom_site.auth_seq_id 
_atom_site.auth_comp_id 
_atom_site.auth_asym_id 
_atom_site.auth_atom_id 
_atom_site.pdbx_PDB_model_num 
ATOM   1  N N   . GLY A 1 1 ? 4.139  0.630  6.856  1.00 9.93  ? 1   GLY Z N   1 
ATOM   2  C CA  . GLY A 1 1 ? 2.944  0.116  6.206  1.00 7.38  ? 1   GLY Z CA  1 
ATOM   3  C C   . GLY A 1 1 ? 3.005  0.295  4.705  1.00 4.89  ? 1   GLY Z C   1 
ATOM   4  O O   . GLY A 1 1 ? 3.809  1.073  4.200  1.00 5.05  ? 1   GLY Z O   1 
ATOM   5  N N   . ASN A 1 2 ? 2.149  -0.428 3.991  1.00 3.53  ? 2   ASN Z N   1 
ATOM   6  C CA  . ASN A 1 2 ? 2.128  -0.390 2.528  1.00 1.85  ? 2   ASN Z CA  1 
ATOM   7  C C   . ASN A 1 2 ? 0.735  -0.161 1.977  1.00 3.00  ? 2   ASN Z C   1 
ATOM   8  O O   . ASN A 1 2 ? -0.239 -0.711 2.488  1.00 3.99  ? 2   ASN Z O   1 
ATOM   9  C CB  . ASN A 1 2 ? 2.653  -1.702 1.951  1.00 5.03  ? 2   ASN Z CB  1 
ATOM   10 C CG  . ASN A 1 2 ? 4.094  -1.980 2.337  1.00 5.08  ? 2   ASN Z CG  1 
ATOM   11 O OD1 . ASN A 1 2 ? 4.979  -1.149 2.130  1.00 6.10  ? 2   ASN Z OD1 1 
ATOM   12 N ND2 . ASN A 1 2 ? 4.335  -3.152 2.904  1.00 8.41  ? 2   ASN Z ND2 1 
ATOM   13 N N   . LEU A 1 3 ? 0.649  0.638  0.919  1.00 3.47  ? 3   LEU Z N   1 
ATOM   14 C CA  . LEU A 1 3 ? -0.604 0.801  0.191  1.00 3.48  ? 3   LEU Z CA  1 
ATOM   15 C C   . LEU A 1 3 ? -0.310 0.522  -1.274 1.00 3.29  ? 3   LEU Z C   1 
ATOM   16 O O   . LEU A 1 3 ? 0.541  1.181  -1.867 1.00 3.80  ? 3   LEU Z O   1 
ATOM   17 C CB  . LEU A 1 3 ? -1.163 2.220  0.366  1.00 3.88  ? 3   LEU Z CB  1 
ATOM   18 C CG  . LEU A 1 3 ? -2.564 2.561  -0.178 1.00 8.66  ? 3   LEU Z CG  1 
ATOM   19 C CD1 . LEU A 1 3 ? -3.026 3.909  0.344  1.00 9.89  ? 3   LEU Z CD1 1 
ATOM   20 C CD2 . LEU A 1 3 ? -2.627 2.586  -1.690 1.00 13.56 ? 3   LEU Z CD2 1 
ATOM   21 N N   . VAL A 1 4 ? -1.023 -0.440 -1.855 1.00 3.17  ? 4   VAL Z N   1 
ATOM   22 C CA  . VAL A 1 4 ? -0.861 -0.758 -3.268 1.00 3.61  ? 4   VAL Z CA  1 
ATOM   23 C C   . VAL A 1 4 ? -2.218 -0.680 -3.943 1.00 5.31  ? 4   VAL Z C   1 
ATOM   24 O O   . VAL A 1 4 ? -3.153 -1.381 -3.557 1.00 7.31  ? 4   VAL Z O   1 
ATOM   25 C CB  . VAL A 1 4 ? -0.306 -2.181 -3.481 1.00 5.31  ? 4   VAL Z CB  1 
ATOM   26 C CG1 . VAL A 1 4 ? -0.106 -2.456 -4.978 1.00 6.73  ? 4   VAL Z CG1 1 
ATOM   27 C CG2 . VAL A 1 4 ? 0.998  -2.372 -2.713 1.00 5.48  ? 4   VAL Z CG2 1 
ATOM   28 N N   . SER A 1 5 ? -2.343 0.171  -4.948 1.00 7.53  ? 5   SER Z N   1 
ATOM   29 C CA  . SER A 1 5 ? -3.608 0.231  -5.657 1.00 11.48 ? 5   SER Z CA  1 
ATOM   30 C C   . SER A 1 5 ? -3.469 -0.308 -7.069 1.00 16.35 ? 5   SER Z C   1 
ATOM   31 O O   . SER A 1 5 ? -2.367 -0.598 -7.547 1.00 14.00 ? 5   SER Z O   1 
ATOM   32 C CB  . SER A 1 5 ? -4.155 1.654  -5.669 1.00 13.36 ? 5   SER Z CB  1 
ATOM   33 O OG  . SER A 1 5 ? -3.312 2.507  -6.414 1.00 15.80 ? 5   SER Z OG  1 
ATOM   34 O OXT . SER A 1 5 ? -4.475 -0.474 -7.748 1.00 17.09 ? 5   SER Z OXT 1 
HETATM 35 O O   . HOH B 2 . ? 6.473  -0.651 4.483  1.00 18.83 ? 101 HOH Z O   1 
HETATM 36 O O   A HOH B 2 . ? 8.389  -3.560 3.953  0.91 56.55 ? 102 HOH Z O   1 
HETATM 37 O O   B HOH B 2 . ? 6.837  -4.661 3.278  0.09 38.95 ? 102 HOH Z O   1 
# 
loop_
_atom_site_anisotrop.id 
_atom_site_anisotrop.type_symbol 
_atom_site_anisotrop.pdbx_label_atom_id 
_atom_site_anisotrop.pdbx_label_alt_id 
_atom_site_anisotrop.pdbx_label_comp_id 
_atom_site_anisotrop.pdbx_label_asym_id 
_atom_site_anisotrop.pdbx_label_seq_id 
_atom_site_anisotrop.pdbx_PDB_ins_code 
_atom_site_anisotrop.U[1][1] 
_atom_site_anisotrop.U[2][2] 
_atom_site_anisotrop.U[3][3] 
_atom_site_anisotrop.U[1][2] 
_atom_site_anisotrop.U[1][3] 
_atom_site_anisotrop.U[2][3] 
_atom_site_anisotrop.pdbx_auth_seq_id 
_atom_site_anisotrop.pdbx_auth_comp_id 
_atom_site_anisotrop.pdbx_auth_asym_id 
_atom_site_anisotrop.pdbx_auth_atom_id 
1  N N   . GLY A 1 ? 0.0916 0.2055 0.0803 -0.0286 -0.0312 0.0137  1   GLY Z N   
2  C CA  . GLY A 1 ? 0.0705 0.1555 0.0543 -0.0150 -0.0210 0.0055  1   GLY Z CA  
3  C C   . GLY A 1 ? 0.0681 0.0910 0.0265 0.0184  -0.0067 -0.0011 1   GLY Z C   
4  O O   . GLY A 1 ? 0.0754 0.0730 0.0435 0.0013  -0.0129 -0.0130 1   GLY Z O   
5  N N   . ASN A 2 ? 0.0754 0.0262 0.0324 0.0108  -0.0226 -0.0061 2   ASN Z N   
6  C CA  . ASN A 2 ? 0.0162 0.0274 0.0266 0.0114  0.0022  -0.0020 2   ASN Z CA  
7  C C   . ASN A 2 ? 0.0337 0.0606 0.0198 0.0175  -0.0013 -0.0084 2   ASN Z C   
8  O O   . ASN A 2 ? 0.0597 0.0697 0.0221 0.0120  0.0079  0.0076  2   ASN Z O   
9  C CB  . ASN A 2 ? 0.0605 0.0826 0.0480 0.0398  -0.0143 -0.0197 2   ASN Z CB  
10 C CG  . ASN A 2 ? 0.0265 0.0957 0.0707 0.0094  -0.0063 -0.0051 2   ASN Z CG  
11 O OD1 . ASN A 2 ? 0.0385 0.1321 0.0614 0.0181  0.0062  0.0122  2   ASN Z OD1 
12 N ND2 . ASN A 2 ? 0.1014 0.1204 0.0976 0.0413  -0.0359 0.0224  2   ASN Z ND2 
13 N N   . LEU A 3 ? 0.0635 0.0283 0.0401 0.0069  -0.0286 -0.0043 3   LEU Z N   
14 C CA  . LEU A 3 ? 0.0610 0.0501 0.0212 0.0239  -0.0042 0.0009  3   LEU Z CA  
15 C C   . LEU A 3 ? 0.0653 0.0392 0.0206 0.0158  -0.0061 -0.0064 3   LEU Z C   
16 O O   . LEU A 3 ? 0.0635 0.0618 0.0189 0.0083  0.0068  0.0009  3   LEU Z O   
17 C CB  . LEU A 3 ? 0.0573 0.0632 0.0269 0.0359  -0.0045 -0.0051 3   LEU Z CB  
18 C CG  . LEU A 3 ? 0.1166 0.1214 0.0909 0.0661  -0.0394 -0.0374 3   LEU Z CG  
19 C CD1 . LEU A 3 ? 0.1184 0.1453 0.1121 0.0710  -0.0414 -0.0355 3   LEU Z CD1 
20 C CD2 . LEU A 3 ? 0.2054 0.1293 0.1805 0.0718  -0.1058 -0.0622 3   LEU Z CD2 
21 N N   . VAL A 4 ? 0.0651 0.0314 0.0238 0.0061  -0.0084 -0.0094 4   VAL Z N   
22 C CA  . VAL A 4 ? 0.0257 0.0752 0.0362 0.0018  -0.0010 -0.0272 4   VAL Z CA  
23 C C   . VAL A 4 ? 0.0402 0.1146 0.0472 -0.0020 0.0130  0.0124  4   VAL Z C   
24 O O   . VAL A 4 ? 0.0821 0.1275 0.0679 -0.0410 -0.0156 0.0275  4   VAL Z O   
25 C CB  . VAL A 4 ? 0.0862 0.0708 0.0446 0.0185  0.0004  -0.0271 4   VAL Z CB  
26 C CG1 . VAL A 4 ? 0.1064 0.1054 0.0442 0.0127  0.0131  -0.0273 4   VAL Z CG1 
27 C CG2 . VAL A 4 ? 0.0705 0.0698 0.0677 0.0110  -0.0038 -0.0016 4   VAL Z CG2 
28 N N   . SER A 5 ? 0.0567 0.1331 0.0962 0.0131  0.0029  0.0410  5   SER Z N   
29 C CA  . SER A 5 ? 0.0870 0.2171 0.1322 0.0322  -0.0106 0.0202  5   SER Z CA  
30 C C   . SER A 5 ? 0.1413 0.3329 0.1472 0.0526  -0.0535 -0.0424 5   SER Z C   
31 O O   . SER A 5 ? 0.1284 0.3051 0.0985 0.0378  -0.0214 -0.0538 5   SER Z O   
32 C CB  . SER A 5 ? 0.0830 0.2476 0.1770 0.0422  0.0210  0.0551  5   SER Z CB  
33 O OG  . SER A 5 ? 0.1003 0.2828 0.2172 0.0315  0.0196  0.0871  5   SER Z OG  
34 O OXT . SER A 5 ? 0.1408 0.3476 0.1610 0.0088  -0.0580 -0.0450 5   SER Z OXT 
35 O O   . HOH B . ? 0.2655 0.1625 0.2873 0.0081  -0.1440 0.0174  101 HOH Z O   
36 O O   A HOH B . ? 0.6364 0.8721 0.6401 0.1705  -0.3197 0.1530  102 HOH Z O   
37 O O   B HOH B . ? 0.2609 0.7352 0.4840 0.1699  -0.0293 -0.1058 102 HOH Z O   
# 
